data_6NSP
#
_entry.id   6NSP
#
_cell.length_a   51.994
_cell.length_b   51.994
_cell.length_c   228.163
_cell.angle_alpha   90.00
_cell.angle_beta   90.00
_cell.angle_gamma   120.00
#
_symmetry.space_group_name_H-M   'P 31 1 2'
#
loop_
_entity.id
_entity.type
_entity.pdbx_description
1 polymer 'High affinity nerve growth factor receptor'
2 non-polymer N-(8-methyl-2-phenylimidazo[1,2-a]pyridin-3-yl)-2-(3-oxo-2,3-dihydro-4H-1,4-benzothiazin-4-yl)acetamide
3 water water
#
_entity_poly.entity_id   1
_entity_poly.type   'polypeptide(L)'
_entity_poly.pdbx_seq_one_letter_code
;ACVHHIKRRDIVLKWELGEGAFGKVFLAECHNLLPEQDKMLVAVKALKEASESARQDFQREAELLTMLQHQHIVRFFGVC
TEGRPLLMVFEYMRHGDLNRFLRSHGPDAKLLAGGEDVAPGPLGLGQLLAVASQVAAGMVYLAGLHFVHRDLATRNCLVG
QGLVVKIGDFGMSRDIYSTDYYRVGGRTMLPIRWMPPESILYRKFTTESDVWSFGVVLWEIFTYGKQPWYQLSNTEAIDC
ITQGRELERPRACPPEVYAIMRGCWQREPQQRHSIKDVHARLQALAQAPPVYLDVLG
;
_entity_poly.pdbx_strand_id   A
#
loop_
_chem_comp.id
_chem_comp.type
_chem_comp.name
_chem_comp.formula
L0P non-polymer N-(8-methyl-2-phenylimidazo[1,2-a]pyridin-3-yl)-2-(3-oxo-2,3-dihydro-4H-1,4-benzothiazin-4-yl)acetamide 'C24 H20 N4 O2 S'
#
# COMPACT_ATOMS: atom_id res chain seq x y z
N ALA A 1 3.75 1.91 -26.26
CA ALA A 1 3.10 2.98 -25.46
C ALA A 1 1.58 3.00 -25.73
N CYS A 2 0.84 2.21 -24.92
CA CYS A 2 -0.60 2.36 -24.55
C CYS A 2 -0.71 3.44 -23.44
N VAL A 3 0.45 3.90 -23.00
CA VAL A 3 0.68 4.97 -21.99
C VAL A 3 0.07 6.29 -22.50
N HIS A 4 -0.86 6.90 -21.72
N HIS A 4 -0.77 6.92 -21.66
CA HIS A 4 -1.38 8.29 -21.94
CA HIS A 4 -1.34 8.28 -21.89
C HIS A 4 -0.21 9.27 -21.71
C HIS A 4 -0.22 9.31 -21.66
N HIS A 5 -0.12 10.31 -22.56
CA HIS A 5 0.90 11.39 -22.51
C HIS A 5 0.16 12.66 -22.13
N ILE A 6 0.80 13.50 -21.33
CA ILE A 6 0.27 14.79 -20.83
C ILE A 6 1.37 15.79 -21.14
N LYS A 7 1.00 16.90 -21.81
CA LYS A 7 1.91 18.00 -22.22
C LYS A 7 2.44 18.71 -20.98
N ARG A 8 3.69 19.09 -20.99
CA ARG A 8 4.36 19.72 -19.85
C ARG A 8 3.57 20.96 -19.41
N ARG A 9 2.90 21.68 -20.31
CA ARG A 9 2.34 23.00 -19.96
C ARG A 9 1.07 22.82 -19.12
N ASP A 10 0.37 21.69 -19.29
CA ASP A 10 -0.85 21.29 -18.54
C ASP A 10 -0.56 20.88 -17.08
N ILE A 11 0.71 20.88 -16.65
CA ILE A 11 1.20 20.53 -15.30
C ILE A 11 1.90 21.72 -14.69
N VAL A 12 1.39 22.20 -13.56
CA VAL A 12 2.03 23.29 -12.82
C VAL A 12 2.31 22.80 -11.40
N LEU A 13 3.60 22.65 -11.11
CA LEU A 13 4.13 22.14 -9.84
C LEU A 13 3.82 23.20 -8.82
N LYS A 14 3.30 22.80 -7.66
CA LYS A 14 3.03 23.74 -6.56
C LYS A 14 4.13 23.57 -5.51
N TRP A 15 4.43 22.35 -5.11
CA TRP A 15 5.46 22.12 -4.07
C TRP A 15 5.70 20.62 -3.90
N GLU A 16 6.79 20.32 -3.28
CA GLU A 16 7.23 18.96 -2.95
C GLU A 16 6.30 18.37 -1.85
N LEU A 17 6.05 17.05 -1.95
CA LEU A 17 5.39 16.18 -0.95
C LEU A 17 6.43 15.23 -0.34
N GLY A 18 7.44 14.80 -1.10
CA GLY A 18 8.31 13.69 -0.69
C GLY A 18 9.45 13.48 -1.66
N GLU A 19 10.48 12.76 -1.22
CA GLU A 19 11.85 12.71 -1.78
C GLU A 19 12.42 11.31 -1.51
N GLY A 20 13.05 10.72 -2.54
CA GLY A 20 13.75 9.43 -2.51
C GLY A 20 15.04 9.47 -3.33
N ALA A 21 15.79 8.35 -3.33
CA ALA A 21 16.95 8.06 -4.20
C ALA A 21 16.58 8.19 -5.69
N PHE A 22 15.43 7.70 -6.15
CA PHE A 22 15.12 7.63 -7.60
C PHE A 22 14.23 8.80 -8.08
N GLY A 23 13.79 9.72 -7.20
CA GLY A 23 12.87 10.78 -7.60
C GLY A 23 12.31 11.62 -6.47
N LYS A 24 11.57 12.66 -6.84
CA LYS A 24 10.77 13.53 -5.97
C LYS A 24 9.31 13.43 -6.39
N VAL A 25 8.39 13.74 -5.48
CA VAL A 25 6.92 13.77 -5.67
C VAL A 25 6.54 15.19 -5.39
N PHE A 26 5.81 15.79 -6.32
CA PHE A 26 5.26 17.13 -6.17
C PHE A 26 3.73 17.05 -6.16
N LEU A 27 3.13 17.99 -5.47
CA LEU A 27 1.76 18.34 -5.78
C LEU A 27 1.72 19.31 -6.96
N ALA A 28 0.80 19.09 -7.90
CA ALA A 28 0.64 19.89 -9.11
C ALA A 28 -0.86 20.11 -9.43
N GLU A 29 -1.11 21.15 -10.18
CA GLU A 29 -2.37 21.37 -10.91
C GLU A 29 -2.17 20.74 -12.29
N CYS A 30 -3.16 19.95 -12.74
CA CYS A 30 -3.24 19.41 -14.11
C CYS A 30 -4.48 19.90 -14.84
N HIS A 31 -4.30 20.51 -16.01
CA HIS A 31 -5.36 21.18 -16.81
C HIS A 31 -5.87 20.20 -17.87
N ASN A 32 -7.17 20.17 -18.11
CA ASN A 32 -7.69 19.42 -19.27
C ASN A 32 -7.35 17.94 -19.11
N LEU A 33 -7.33 17.46 -17.87
CA LEU A 33 -7.11 16.03 -17.63
C LEU A 33 -8.47 15.31 -17.59
N LEU A 34 -9.49 15.89 -16.96
CA LEU A 34 -10.82 15.23 -16.89
C LEU A 34 -11.92 16.16 -17.40
N PRO A 35 -13.03 15.61 -17.94
CA PRO A 35 -14.18 16.41 -18.40
C PRO A 35 -14.80 17.30 -17.30
N GLU A 36 -15.19 16.73 -16.16
CA GLU A 36 -15.95 17.45 -15.07
C GLU A 36 -15.05 18.56 -14.50
N GLN A 37 -13.73 18.43 -14.70
CA GLN A 37 -12.66 19.28 -14.09
C GLN A 37 -11.64 19.71 -15.14
N ASP A 38 -11.65 21.00 -15.50
CA ASP A 38 -10.62 21.65 -16.36
C ASP A 38 -9.37 21.92 -15.53
N LYS A 39 -9.48 21.91 -14.20
CA LYS A 39 -8.33 22.05 -13.27
C LYS A 39 -8.52 21.18 -12.03
N MET A 40 -7.51 20.35 -11.72
CA MET A 40 -7.52 19.38 -10.60
C MET A 40 -6.13 19.15 -10.01
N LEU A 41 -6.05 18.77 -8.74
CA LEU A 41 -4.74 18.42 -8.14
C LEU A 41 -4.35 16.99 -8.50
N VAL A 42 -3.04 16.77 -8.66
CA VAL A 42 -2.37 15.45 -8.87
C VAL A 42 -1.07 15.44 -8.08
N ALA A 43 -0.52 14.26 -7.88
CA ALA A 43 0.86 14.05 -7.42
C ALA A 43 1.66 13.64 -8.65
N VAL A 44 2.81 14.29 -8.79
CA VAL A 44 3.73 14.11 -9.94
C VAL A 44 5.03 13.54 -9.39
N LYS A 45 5.45 12.35 -9.85
CA LYS A 45 6.79 11.76 -9.59
C LYS A 45 7.71 12.18 -10.73
N ALA A 46 8.77 12.91 -10.40
CA ALA A 46 9.84 13.34 -11.30
C ALA A 46 11.01 12.38 -11.14
N LEU A 47 11.52 11.88 -12.25
CA LEU A 47 12.62 10.92 -12.21
C LEU A 47 13.92 11.71 -11.95
N LYS A 48 14.73 11.28 -11.01
CA LYS A 48 15.95 12.01 -10.59
C LYS A 48 16.95 11.96 -11.76
N GLU A 49 17.53 10.79 -12.00
CA GLU A 49 18.42 10.49 -13.15
C GLU A 49 17.56 10.62 -14.41
N ALA A 50 18.08 10.24 -15.58
CA ALA A 50 17.28 9.98 -16.80
C ALA A 50 18.09 9.10 -17.77
N SER A 51 18.95 8.22 -17.23
CA SER A 51 19.98 7.42 -17.95
C SER A 51 19.29 6.27 -18.72
N GLU A 52 20.09 5.39 -19.35
CA GLU A 52 19.62 4.20 -20.14
C GLU A 52 18.75 3.31 -19.26
N SER A 53 19.18 3.12 -18.00
CA SER A 53 18.60 2.21 -16.97
C SER A 53 17.28 2.82 -16.46
N ALA A 54 17.32 4.12 -16.15
CA ALA A 54 16.21 4.87 -15.52
C ALA A 54 15.01 4.92 -16.46
N ARG A 55 15.24 5.10 -17.77
CA ARG A 55 14.24 5.48 -18.81
C ARG A 55 13.62 4.25 -19.48
N GLN A 56 14.35 3.13 -19.57
CA GLN A 56 13.73 1.84 -19.96
C GLN A 56 12.95 1.31 -18.75
N ASP A 57 13.40 1.61 -17.53
CA ASP A 57 12.66 1.27 -16.28
C ASP A 57 11.30 1.98 -16.34
N PHE A 58 11.40 3.31 -16.48
CA PHE A 58 10.30 4.29 -16.45
C PHE A 58 9.24 3.86 -17.45
N GLN A 59 9.68 3.51 -18.66
CA GLN A 59 8.80 3.11 -19.78
C GLN A 59 8.05 1.82 -19.40
N ARG A 60 8.72 0.91 -18.69
CA ARG A 60 8.11 -0.36 -18.22
C ARG A 60 7.12 -0.01 -17.12
N GLU A 61 7.59 0.68 -16.07
N GLU A 61 7.63 0.66 -16.08
CA GLU A 61 6.71 1.03 -14.93
CA GLU A 61 6.82 1.14 -14.95
C GLU A 61 5.46 1.72 -15.49
C GLU A 61 5.51 1.70 -15.52
N ALA A 62 5.60 2.62 -16.49
CA ALA A 62 4.46 3.33 -17.14
C ALA A 62 3.49 2.33 -17.77
N GLU A 63 4.02 1.30 -18.45
CA GLU A 63 3.16 0.26 -19.08
C GLU A 63 2.41 -0.49 -17.98
N LEU A 64 3.13 -1.05 -17.00
CA LEU A 64 2.50 -1.80 -15.88
C LEU A 64 1.38 -0.94 -15.26
N LEU A 65 1.64 0.32 -14.91
CA LEU A 65 0.65 1.18 -14.20
C LEU A 65 -0.52 1.52 -15.11
N THR A 66 -0.28 1.63 -16.40
CA THR A 66 -1.37 1.88 -17.37
C THR A 66 -2.31 0.64 -17.36
N MET A 67 -1.77 -0.56 -17.12
CA MET A 67 -2.50 -1.86 -17.17
C MET A 67 -3.29 -2.03 -15.86
N LEU A 68 -2.79 -1.52 -14.73
CA LEU A 68 -3.46 -1.66 -13.42
C LEU A 68 -4.40 -0.47 -13.23
N GLN A 69 -5.68 -0.70 -13.44
CA GLN A 69 -6.73 0.30 -13.26
C GLN A 69 -7.84 -0.39 -12.47
N HIS A 70 -8.11 0.09 -11.26
CA HIS A 70 -9.17 -0.46 -10.39
C HIS A 70 -9.49 0.57 -9.28
N GLN A 71 -10.67 0.45 -8.68
CA GLN A 71 -11.12 1.38 -7.61
C GLN A 71 -10.16 1.41 -6.39
N HIS A 72 -9.40 0.33 -6.14
CA HIS A 72 -8.50 0.28 -4.95
C HIS A 72 -7.02 0.17 -5.36
N ILE A 73 -6.69 0.62 -6.58
CA ILE A 73 -5.30 0.86 -7.05
C ILE A 73 -5.17 2.37 -7.29
N VAL A 74 -4.14 3.03 -6.74
CA VAL A 74 -3.83 4.45 -7.05
C VAL A 74 -3.95 4.64 -8.58
N ARG A 75 -4.73 5.65 -8.92
CA ARG A 75 -5.05 5.99 -10.31
C ARG A 75 -3.80 6.63 -10.91
N PHE A 76 -3.30 6.01 -11.97
CA PHE A 76 -2.22 6.50 -12.85
C PHE A 76 -2.87 7.17 -14.07
N PHE A 77 -2.55 8.43 -14.32
CA PHE A 77 -3.12 9.26 -15.41
C PHE A 77 -2.22 9.21 -16.64
N GLY A 78 -0.91 9.13 -16.46
CA GLY A 78 0.04 9.04 -17.59
C GLY A 78 1.37 9.72 -17.32
N VAL A 79 2.11 9.99 -18.39
CA VAL A 79 3.53 10.42 -18.36
C VAL A 79 3.62 11.77 -19.05
N CYS A 80 4.61 12.53 -18.64
CA CYS A 80 5.09 13.68 -19.42
C CYS A 80 6.54 13.46 -19.81
N THR A 81 6.76 13.03 -21.06
CA THR A 81 8.08 12.73 -21.69
C THR A 81 8.53 13.84 -22.65
N GLU A 82 7.89 15.01 -22.65
CA GLU A 82 8.37 16.15 -23.49
C GLU A 82 9.37 16.96 -22.63
N GLY A 83 10.65 16.63 -22.76
CA GLY A 83 11.73 17.35 -22.06
C GLY A 83 11.74 17.02 -20.58
N ARG A 84 12.91 16.55 -20.11
CA ARG A 84 13.23 16.24 -18.71
C ARG A 84 12.87 17.37 -17.76
N PRO A 85 12.54 17.05 -16.50
CA PRO A 85 12.57 15.67 -16.00
C PRO A 85 11.34 14.90 -16.51
N LEU A 86 11.47 13.59 -16.70
CA LEU A 86 10.32 12.73 -17.07
C LEU A 86 9.40 12.69 -15.84
N LEU A 87 8.08 12.78 -16.04
CA LEU A 87 7.04 12.89 -15.00
C LEU A 87 6.05 11.74 -15.16
N MET A 88 5.60 11.23 -14.02
CA MET A 88 4.46 10.30 -13.91
C MET A 88 3.38 10.96 -13.08
N VAL A 89 2.17 10.95 -13.57
CA VAL A 89 1.07 11.68 -12.94
C VAL A 89 0.09 10.71 -12.34
N PHE A 90 -0.26 11.04 -11.12
CA PHE A 90 -1.12 10.24 -10.24
C PHE A 90 -2.14 11.13 -9.58
N GLU A 91 -3.23 10.47 -9.26
CA GLU A 91 -4.30 10.97 -8.35
C GLU A 91 -3.61 11.40 -7.05
N TYR A 92 -4.00 12.52 -6.51
CA TYR A 92 -3.57 13.03 -5.18
C TYR A 92 -4.50 12.41 -4.13
N MET A 93 -3.91 11.77 -3.15
CA MET A 93 -4.55 11.13 -2.01
C MET A 93 -4.19 11.93 -0.76
N ARG A 94 -5.16 12.63 -0.17
CA ARG A 94 -4.85 13.79 0.70
C ARG A 94 -4.44 13.35 2.09
N HIS A 95 -4.70 12.12 2.51
CA HIS A 95 -4.30 11.69 3.87
C HIS A 95 -2.94 10.98 3.81
N GLY A 96 -2.29 10.91 2.66
CA GLY A 96 -0.98 10.24 2.56
C GLY A 96 -1.07 8.74 2.76
N ASP A 97 -0.02 8.16 3.29
CA ASP A 97 0.06 6.70 3.32
C ASP A 97 -0.73 6.26 4.54
N LEU A 98 -1.28 5.08 4.40
CA LEU A 98 -2.13 4.42 5.41
C LEU A 98 -1.37 4.24 6.71
N ASN A 99 -0.05 4.11 6.69
CA ASN A 99 0.65 3.88 7.99
C ASN A 99 0.53 5.15 8.84
N ARG A 100 0.76 6.29 8.20
CA ARG A 100 0.70 7.63 8.82
C ARG A 100 -0.74 7.93 9.25
N PHE A 101 -1.68 7.64 8.40
CA PHE A 101 -3.10 7.79 8.71
C PHE A 101 -3.43 6.95 9.93
N LEU A 102 -3.04 5.68 9.96
CA LEU A 102 -3.33 4.83 11.11
C LEU A 102 -2.69 5.42 12.36
N ARG A 103 -1.47 5.90 12.29
CA ARG A 103 -0.76 6.38 13.51
C ARG A 103 -1.42 7.63 14.04
N SER A 104 -1.98 8.46 13.18
CA SER A 104 -2.46 9.78 13.61
C SER A 104 -3.95 9.66 13.96
N HIS A 105 -4.52 8.44 13.96
CA HIS A 105 -5.89 8.11 14.42
C HIS A 105 -5.88 6.92 15.38
N GLY A 106 -4.82 6.80 16.17
CA GLY A 106 -4.52 5.64 17.03
C GLY A 106 -5.28 5.66 18.35
N PRO A 107 -4.96 4.75 19.30
CA PRO A 107 -5.67 4.69 20.56
C PRO A 107 -5.29 5.89 21.45
N ASP A 108 -4.08 6.44 21.26
CA ASP A 108 -3.62 7.69 21.95
C ASP A 108 -4.52 8.89 21.52
N ALA A 109 -5.11 8.93 20.31
CA ALA A 109 -6.03 9.99 19.80
C ALA A 109 -7.30 10.05 20.65
N ALA A 113 -7.72 14.60 17.37
CA ALA A 113 -8.03 15.36 16.14
C ALA A 113 -8.85 14.50 15.15
N GLY A 114 -10.19 14.63 15.21
CA GLY A 114 -11.18 14.32 14.15
C GLY A 114 -11.38 15.49 13.14
N GLY A 115 -11.98 15.22 11.97
CA GLY A 115 -12.04 16.20 10.87
C GLY A 115 -13.14 15.90 9.89
N GLU A 116 -12.85 16.15 8.64
CA GLU A 116 -13.82 16.14 7.52
C GLU A 116 -14.23 14.68 7.16
N ASP A 117 -13.32 13.73 7.33
CA ASP A 117 -13.41 12.35 6.79
C ASP A 117 -13.48 11.32 7.91
N VAL A 118 -13.10 11.71 9.14
CA VAL A 118 -12.87 10.76 10.26
C VAL A 118 -13.44 11.37 11.52
N ALA A 119 -14.12 10.59 12.33
CA ALA A 119 -14.47 10.99 13.71
C ALA A 119 -13.21 11.39 14.48
N PRO A 120 -13.39 12.08 15.62
CA PRO A 120 -12.31 12.24 16.60
C PRO A 120 -12.09 10.84 17.20
N GLY A 121 -11.03 10.69 17.99
CA GLY A 121 -10.76 9.40 18.66
C GLY A 121 -10.16 8.33 17.73
N PRO A 122 -9.86 7.19 18.33
CA PRO A 122 -9.33 6.08 17.56
C PRO A 122 -10.36 5.66 16.50
N LEU A 123 -9.88 5.24 15.36
CA LEU A 123 -10.80 4.67 14.34
C LEU A 123 -11.53 3.50 14.99
N GLY A 124 -12.81 3.40 14.66
CA GLY A 124 -13.67 2.33 15.19
C GLY A 124 -13.52 1.05 14.39
N LEU A 125 -14.10 -0.02 14.93
CA LEU A 125 -14.10 -1.35 14.34
C LEU A 125 -14.55 -1.22 12.89
N GLY A 126 -15.66 -0.51 12.69
CA GLY A 126 -16.31 -0.33 11.39
C GLY A 126 -15.32 0.23 10.38
N GLN A 127 -14.55 1.20 10.83
CA GLN A 127 -13.62 1.98 9.98
C GLN A 127 -12.42 1.08 9.65
N LEU A 128 -11.87 0.41 10.66
CA LEU A 128 -10.71 -0.49 10.53
C LEU A 128 -11.07 -1.60 9.58
N LEU A 129 -12.26 -2.15 9.66
CA LEU A 129 -12.70 -3.22 8.73
C LEU A 129 -12.87 -2.69 7.30
N ALA A 130 -13.31 -1.44 7.09
CA ALA A 130 -13.61 -0.85 5.77
C ALA A 130 -12.28 -0.56 5.06
N VAL A 131 -11.32 -0.07 5.84
CA VAL A 131 -9.90 0.01 5.41
C VAL A 131 -9.32 -1.35 4.94
N ALA A 132 -9.35 -2.38 5.78
CA ALA A 132 -8.81 -3.71 5.46
C ALA A 132 -9.49 -4.25 4.20
N SER A 133 -10.79 -4.12 4.19
CA SER A 133 -11.61 -4.59 3.06
C SER A 133 -11.16 -3.94 1.76
N GLN A 134 -10.91 -2.63 1.76
CA GLN A 134 -10.47 -1.92 0.53
C GLN A 134 -9.11 -2.45 0.08
N VAL A 135 -8.21 -2.70 1.01
CA VAL A 135 -6.85 -3.12 0.65
C VAL A 135 -7.03 -4.50 0.03
N ALA A 136 -7.86 -5.33 0.65
CA ALA A 136 -8.10 -6.71 0.16
C ALA A 136 -8.69 -6.65 -1.25
N ALA A 137 -9.57 -5.67 -1.52
CA ALA A 137 -10.21 -5.53 -2.85
C ALA A 137 -9.12 -5.29 -3.88
N GLY A 138 -8.15 -4.44 -3.57
CA GLY A 138 -7.04 -4.23 -4.51
C GLY A 138 -6.20 -5.48 -4.68
N MET A 139 -5.97 -6.24 -3.61
CA MET A 139 -5.20 -7.51 -3.68
C MET A 139 -6.00 -8.53 -4.53
N VAL A 140 -7.31 -8.56 -4.43
CA VAL A 140 -8.13 -9.46 -5.32
C VAL A 140 -7.81 -9.12 -6.77
N TYR A 141 -7.77 -7.83 -7.11
CA TYR A 141 -7.65 -7.44 -8.53
C TYR A 141 -6.27 -7.82 -8.99
N LEU A 142 -5.23 -7.57 -8.20
CA LEU A 142 -3.84 -7.93 -8.60
C LEU A 142 -3.72 -9.46 -8.79
N ALA A 143 -4.17 -10.26 -7.84
CA ALA A 143 -4.13 -11.75 -7.94
C ALA A 143 -4.91 -12.22 -9.18
N GLY A 144 -6.07 -11.62 -9.45
CA GLY A 144 -6.84 -11.84 -10.70
C GLY A 144 -5.95 -11.79 -11.94
N LEU A 145 -5.07 -10.78 -12.06
CA LEU A 145 -4.05 -10.60 -13.12
C LEU A 145 -2.77 -11.40 -12.82
N HIS A 146 -2.75 -12.25 -11.79
CA HIS A 146 -1.53 -13.02 -11.40
C HIS A 146 -0.31 -12.09 -11.19
N PHE A 147 -0.55 -10.83 -10.81
CA PHE A 147 0.54 -9.87 -10.50
C PHE A 147 0.90 -10.08 -9.01
N VAL A 148 2.18 -10.10 -8.70
CA VAL A 148 2.70 -10.33 -7.33
C VAL A 148 3.25 -8.99 -6.85
N HIS A 149 2.90 -8.54 -5.65
CA HIS A 149 3.33 -7.21 -5.15
C HIS A 149 4.75 -7.27 -4.60
N ARG A 150 4.96 -8.09 -3.58
CA ARG A 150 6.27 -8.33 -2.90
C ARG A 150 6.53 -7.27 -1.85
N ASP A 151 5.84 -6.11 -1.82
CA ASP A 151 6.08 -5.12 -0.73
C ASP A 151 4.76 -4.60 -0.19
N LEU A 152 3.77 -5.46 -0.10
CA LEU A 152 2.46 -5.08 0.49
C LEU A 152 2.67 -4.75 1.99
N ALA A 153 2.33 -3.53 2.39
CA ALA A 153 2.45 -2.93 3.75
C ALA A 153 1.60 -1.66 3.79
N THR A 154 1.25 -1.16 4.97
CA THR A 154 0.32 -0.01 5.06
C THR A 154 1.06 1.17 4.43
N ARG A 155 2.37 1.19 4.55
CA ARG A 155 3.19 2.33 4.01
C ARG A 155 3.00 2.49 2.50
N ASN A 156 2.66 1.42 1.82
CA ASN A 156 2.56 1.29 0.35
C ASN A 156 1.10 1.27 0.01
N CYS A 157 0.26 1.80 0.89
CA CYS A 157 -1.14 2.11 0.50
C CYS A 157 -1.34 3.61 0.66
N LEU A 158 -2.28 4.20 -0.07
CA LEU A 158 -2.66 5.62 0.19
C LEU A 158 -4.13 5.76 0.62
N VAL A 159 -4.43 6.88 1.22
CA VAL A 159 -5.79 7.24 1.68
C VAL A 159 -6.17 8.61 1.11
N GLY A 160 -7.29 8.65 0.42
CA GLY A 160 -7.81 9.92 -0.12
C GLY A 160 -9.05 10.37 0.62
N GLN A 161 -9.70 11.38 0.06
CA GLN A 161 -11.02 11.91 0.43
C GLN A 161 -12.02 10.79 0.66
N GLY A 162 -12.73 10.82 1.79
CA GLY A 162 -13.78 9.86 2.14
C GLY A 162 -13.19 8.59 2.76
N LEU A 163 -11.90 8.55 3.06
CA LEU A 163 -11.22 7.28 3.48
C LEU A 163 -11.34 6.21 2.39
N VAL A 164 -11.19 6.61 1.15
CA VAL A 164 -10.88 5.70 0.03
C VAL A 164 -9.42 5.31 0.24
N VAL A 165 -9.17 4.02 0.31
CA VAL A 165 -7.84 3.43 0.52
C VAL A 165 -7.47 2.68 -0.75
N LYS A 166 -6.29 2.95 -1.29
CA LYS A 166 -5.81 2.34 -2.55
C LYS A 166 -4.36 1.91 -2.37
N ILE A 167 -4.06 0.77 -2.99
CA ILE A 167 -2.70 0.22 -3.06
C ILE A 167 -1.93 1.05 -4.06
N GLY A 168 -0.70 1.39 -3.67
CA GLY A 168 0.25 2.13 -4.52
C GLY A 168 1.12 3.00 -3.67
N ASP A 169 2.30 3.27 -4.20
CA ASP A 169 3.39 4.07 -3.60
C ASP A 169 4.07 4.76 -4.79
N PHE A 170 5.11 5.50 -4.46
CA PHE A 170 5.90 6.31 -5.42
C PHE A 170 7.31 5.74 -5.53
N GLY A 171 7.54 4.53 -4.99
CA GLY A 171 8.81 3.78 -4.99
C GLY A 171 9.92 4.42 -4.16
N MET A 172 9.57 5.00 -3.01
CA MET A 172 10.48 5.74 -2.09
C MET A 172 10.32 5.20 -0.67
N SER A 173 9.52 4.16 -0.48
CA SER A 173 9.28 3.54 0.85
C SER A 173 10.61 3.07 1.46
N ARG A 174 11.58 2.62 0.66
CA ARG A 174 12.91 2.25 1.19
C ARG A 174 13.61 3.43 1.87
N ASP A 175 13.48 4.62 1.30
CA ASP A 175 14.09 5.87 1.84
C ASP A 175 13.28 6.46 2.98
N ILE A 176 11.95 6.48 2.92
CA ILE A 176 11.09 7.14 3.94
C ILE A 176 10.97 6.20 5.16
N TYR A 177 11.02 4.90 4.92
CA TYR A 177 10.73 3.88 5.95
C TYR A 177 11.88 2.86 6.02
N SER A 178 13.14 3.34 6.07
CA SER A 178 14.39 2.54 6.04
C SER A 178 14.29 1.45 7.13
N THR A 179 13.67 1.73 8.25
CA THR A 179 13.52 0.79 9.39
C THR A 179 12.62 -0.41 9.02
N ASP A 180 11.72 -0.28 8.07
CA ASP A 180 10.86 -1.43 7.70
C ASP A 180 11.65 -2.40 6.78
N TYR A 181 12.93 -2.13 6.52
CA TYR A 181 13.73 -3.00 5.61
C TYR A 181 14.97 -3.54 6.28
N TYR A 182 15.32 -4.79 5.93
CA TYR A 182 16.64 -5.39 6.25
C TYR A 182 17.58 -5.14 5.07
N ARG A 183 18.64 -4.35 5.28
CA ARG A 183 19.71 -4.20 4.26
C ARG A 183 20.61 -5.43 4.30
N VAL A 184 20.67 -6.17 3.19
CA VAL A 184 21.59 -7.33 2.96
C VAL A 184 22.74 -6.89 2.04
N GLY A 185 22.51 -6.74 0.73
CA GLY A 185 23.58 -6.50 -0.25
C GLY A 185 24.24 -5.16 0.02
N GLY A 186 24.84 -4.56 -0.99
CA GLY A 186 25.26 -3.14 -0.91
C GLY A 186 24.04 -2.25 -1.04
N ARG A 187 23.07 -2.66 -1.86
CA ARG A 187 21.84 -1.84 -2.08
C ARG A 187 20.56 -2.70 -2.09
N THR A 188 20.59 -3.89 -1.48
CA THR A 188 19.36 -4.75 -1.43
C THR A 188 18.63 -4.63 -0.07
N MET A 189 17.32 -4.37 -0.11
CA MET A 189 16.54 -4.05 1.13
C MET A 189 15.22 -4.81 1.15
N LEU A 190 15.09 -5.74 2.08
CA LEU A 190 14.02 -6.75 2.13
C LEU A 190 13.03 -6.35 3.22
N PRO A 191 11.71 -6.31 2.94
CA PRO A 191 10.71 -6.07 3.97
C PRO A 191 10.41 -7.33 4.82
N ILE A 192 11.42 -7.75 5.57
CA ILE A 192 11.38 -9.08 6.23
C ILE A 192 10.16 -9.21 7.13
N ARG A 193 9.78 -8.16 7.87
CA ARG A 193 8.68 -8.28 8.87
C ARG A 193 7.34 -8.65 8.20
N TRP A 194 7.23 -8.48 6.89
CA TRP A 194 6.00 -8.64 6.08
C TRP A 194 6.11 -9.91 5.26
N MET A 195 7.21 -10.63 5.35
CA MET A 195 7.47 -11.76 4.42
C MET A 195 7.19 -13.10 5.08
N PRO A 196 6.66 -14.10 4.33
CA PRO A 196 6.53 -15.45 4.87
C PRO A 196 7.83 -16.26 4.88
N PRO A 197 7.84 -17.41 5.58
CA PRO A 197 9.05 -18.24 5.70
C PRO A 197 9.65 -18.65 4.36
N GLU A 198 8.81 -18.99 3.37
CA GLU A 198 9.29 -19.39 2.02
C GLU A 198 9.96 -18.24 1.29
N SER A 199 9.59 -16.99 1.57
CA SER A 199 10.21 -15.81 0.92
C SER A 199 11.57 -15.56 1.56
N ILE A 200 11.65 -15.61 2.88
CA ILE A 200 12.93 -15.40 3.61
C ILE A 200 13.91 -16.58 3.39
N LEU A 201 13.44 -17.82 3.54
CA LEU A 201 14.30 -19.04 3.41
C LEU A 201 14.72 -19.34 1.96
N TYR A 202 13.76 -19.48 1.04
CA TYR A 202 13.90 -20.04 -0.33
C TYR A 202 13.87 -18.93 -1.36
N ARG A 203 13.63 -17.71 -0.93
CA ARG A 203 13.47 -16.49 -1.79
C ARG A 203 12.38 -16.69 -2.85
N LYS A 204 11.32 -17.42 -2.52
CA LYS A 204 10.12 -17.54 -3.40
C LYS A 204 9.08 -16.47 -3.02
N PHE A 205 8.55 -15.79 -4.05
CA PHE A 205 7.46 -14.80 -3.98
C PHE A 205 6.33 -15.16 -4.94
N THR A 206 5.14 -15.28 -4.40
CA THR A 206 3.89 -15.76 -5.05
C THR A 206 2.70 -14.94 -4.54
N THR A 207 1.54 -15.12 -5.18
CA THR A 207 0.21 -14.78 -4.67
C THR A 207 0.16 -15.13 -3.19
N GLU A 208 0.65 -16.27 -2.80
CA GLU A 208 0.52 -16.77 -1.41
C GLU A 208 1.50 -16.03 -0.50
N SER A 209 2.63 -15.52 -0.97
CA SER A 209 3.44 -14.65 -0.08
C SER A 209 2.72 -13.28 0.02
N ASP A 210 1.94 -12.88 -0.98
CA ASP A 210 1.14 -11.64 -0.91
C ASP A 210 0.02 -11.82 0.14
N VAL A 211 -0.62 -12.99 0.26
CA VAL A 211 -1.72 -13.08 1.24
C VAL A 211 -1.06 -13.13 2.61
N TRP A 212 0.17 -13.63 2.73
CA TRP A 212 0.84 -13.67 4.05
C TRP A 212 1.03 -12.20 4.43
N SER A 213 1.61 -11.44 3.53
CA SER A 213 1.86 -9.98 3.68
C SER A 213 0.56 -9.22 3.98
N PHE A 214 -0.57 -9.58 3.37
CA PHE A 214 -1.88 -8.98 3.70
C PHE A 214 -2.31 -9.29 5.13
N GLY A 215 -2.09 -10.53 5.56
CA GLY A 215 -2.40 -10.81 6.97
C GLY A 215 -1.62 -9.86 7.85
N VAL A 216 -0.35 -9.56 7.53
CA VAL A 216 0.45 -8.65 8.36
C VAL A 216 -0.10 -7.22 8.21
N VAL A 217 -0.59 -6.82 7.02
CA VAL A 217 -1.28 -5.51 6.84
C VAL A 217 -2.49 -5.40 7.79
N LEU A 218 -3.23 -6.50 7.90
CA LEU A 218 -4.43 -6.57 8.76
C LEU A 218 -4.02 -6.35 10.23
N TRP A 219 -2.86 -6.88 10.63
CA TRP A 219 -2.28 -6.69 11.99
C TRP A 219 -1.90 -5.22 12.17
N GLU A 220 -1.23 -4.64 11.21
CA GLU A 220 -0.86 -3.21 11.27
C GLU A 220 -2.13 -2.38 11.48
N ILE A 221 -3.11 -2.60 10.63
CA ILE A 221 -4.40 -1.89 10.70
C ILE A 221 -4.94 -1.95 12.14
N PHE A 222 -5.02 -3.12 12.75
CA PHE A 222 -5.64 -3.28 14.08
C PHE A 222 -4.71 -2.95 15.25
N THR A 223 -3.48 -2.60 14.98
CA THR A 223 -2.54 -1.99 15.95
C THR A 223 -2.32 -0.53 15.62
N TYR A 224 -3.10 0.04 14.68
CA TYR A 224 -3.04 1.46 14.29
C TYR A 224 -1.61 1.84 13.83
N GLY A 225 -1.05 0.97 13.00
CA GLY A 225 0.21 1.21 12.26
C GLY A 225 1.45 0.76 13.00
N LYS A 226 1.35 0.02 14.10
CA LYS A 226 2.57 -0.47 14.77
C LYS A 226 3.40 -1.29 13.78
N GLN A 227 4.71 -1.24 13.88
CA GLN A 227 5.61 -2.15 13.12
C GLN A 227 5.51 -3.58 13.67
N PRO A 228 5.33 -4.61 12.80
CA PRO A 228 5.28 -5.99 13.25
C PRO A 228 6.65 -6.28 13.83
N TRP A 229 6.63 -6.96 14.98
CA TRP A 229 7.81 -7.53 15.68
C TRP A 229 8.67 -6.37 16.16
N TYR A 230 8.06 -5.19 16.45
CA TYR A 230 8.82 -3.94 16.68
C TYR A 230 9.78 -4.20 17.86
N GLN A 231 9.43 -5.12 18.74
CA GLN A 231 10.23 -5.38 19.95
C GLN A 231 11.54 -6.08 19.55
N LEU A 232 11.66 -6.54 18.29
CA LEU A 232 12.72 -7.46 17.77
C LEU A 232 13.58 -6.74 16.75
N SER A 233 14.85 -7.08 16.71
CA SER A 233 15.77 -6.71 15.60
C SER A 233 15.43 -7.49 14.30
N ASN A 234 16.14 -7.14 13.26
CA ASN A 234 16.01 -7.76 11.92
C ASN A 234 16.33 -9.26 12.03
N THR A 235 17.48 -9.64 12.60
CA THR A 235 17.90 -11.07 12.76
C THR A 235 16.89 -11.80 13.66
N GLU A 236 16.50 -11.20 14.78
CA GLU A 236 15.52 -11.82 15.72
C GLU A 236 14.17 -12.00 15.02
N ALA A 237 13.81 -11.12 14.10
CA ALA A 237 12.49 -11.19 13.43
C ALA A 237 12.52 -12.30 12.40
N ILE A 238 13.64 -12.43 11.68
CA ILE A 238 13.88 -13.56 10.75
C ILE A 238 13.82 -14.85 11.56
N ASP A 239 14.50 -14.90 12.71
CA ASP A 239 14.54 -16.17 13.49
C ASP A 239 13.11 -16.58 13.83
N CYS A 240 12.35 -15.64 14.34
CA CYS A 240 11.06 -15.92 14.97
C CYS A 240 10.05 -16.20 13.86
N ILE A 241 10.24 -15.64 12.65
CA ILE A 241 9.33 -15.88 11.49
C ILE A 241 9.59 -17.24 10.87
N THR A 242 10.86 -17.56 10.65
CA THR A 242 11.25 -18.89 10.11
C THR A 242 10.98 -19.96 11.17
N GLN A 243 11.04 -19.67 12.48
CA GLN A 243 10.76 -20.69 13.54
C GLN A 243 9.27 -20.83 13.83
N GLY A 244 8.38 -20.08 13.18
CA GLY A 244 6.92 -20.31 13.18
C GLY A 244 6.17 -19.46 14.20
N ARG A 245 6.80 -18.43 14.80
CA ARG A 245 6.12 -17.57 15.79
C ARG A 245 5.09 -16.71 15.03
N GLU A 246 3.88 -16.52 15.57
CA GLU A 246 2.77 -15.70 14.99
C GLU A 246 2.63 -14.43 15.80
N LEU A 247 2.40 -13.30 15.12
CA LEU A 247 2.15 -12.04 15.82
C LEU A 247 0.89 -12.28 16.70
N GLU A 248 0.87 -11.69 17.89
CA GLU A 248 -0.24 -11.89 18.86
C GLU A 248 -1.41 -10.95 18.51
N ARG A 249 -2.63 -11.40 18.78
CA ARG A 249 -3.84 -10.59 18.53
C ARG A 249 -3.65 -9.17 19.03
N PRO A 250 -3.84 -8.14 18.18
CA PRO A 250 -3.89 -6.75 18.66
C PRO A 250 -5.12 -6.58 19.59
N ARG A 251 -4.95 -5.77 20.64
CA ARG A 251 -6.04 -5.41 21.58
C ARG A 251 -7.37 -5.16 20.83
N ALA A 252 -7.38 -4.30 19.81
CA ALA A 252 -8.60 -3.79 19.15
C ALA A 252 -9.17 -4.84 18.18
N CYS A 253 -8.56 -6.01 18.05
CA CYS A 253 -8.93 -6.99 16.98
C CYS A 253 -9.87 -8.06 17.54
N PRO A 254 -11.15 -8.09 17.13
CA PRO A 254 -12.01 -9.22 17.48
C PRO A 254 -11.38 -10.56 17.09
N PRO A 255 -11.57 -11.64 17.88
CA PRO A 255 -11.19 -13.01 17.48
C PRO A 255 -11.59 -13.41 16.04
N GLU A 256 -12.82 -13.13 15.63
CA GLU A 256 -13.32 -13.23 14.24
C GLU A 256 -12.23 -12.77 13.27
N VAL A 257 -11.63 -11.61 13.53
CA VAL A 257 -10.63 -10.99 12.61
C VAL A 257 -9.25 -11.63 12.84
N TYR A 258 -8.89 -11.96 14.06
CA TYR A 258 -7.59 -12.61 14.33
C TYR A 258 -7.49 -13.93 13.57
N ALA A 259 -8.64 -14.54 13.29
CA ALA A 259 -8.73 -15.84 12.58
C ALA A 259 -8.42 -15.65 11.11
N ILE A 260 -8.91 -14.56 10.52
CA ILE A 260 -8.61 -14.20 9.11
C ILE A 260 -7.10 -13.98 9.00
N MET A 261 -6.55 -13.18 9.94
CA MET A 261 -5.07 -13.01 10.02
C MET A 261 -4.42 -14.40 10.00
N ARG A 262 -4.85 -15.32 10.85
CA ARG A 262 -4.22 -16.69 10.93
C ARG A 262 -4.43 -17.48 9.63
N GLY A 263 -5.54 -17.32 8.92
CA GLY A 263 -5.74 -18.00 7.64
C GLY A 263 -4.68 -17.59 6.63
N CYS A 264 -4.12 -16.38 6.75
CA CYS A 264 -3.11 -15.85 5.80
C CYS A 264 -1.72 -16.40 6.17
N TRP A 265 -1.55 -16.89 7.39
CA TRP A 265 -0.24 -17.27 8.00
C TRP A 265 -0.06 -18.79 8.21
N GLN A 266 -0.85 -19.63 7.58
CA GLN A 266 -0.53 -21.07 7.50
C GLN A 266 0.90 -21.15 6.97
N ARG A 267 1.74 -22.01 7.52
CA ARG A 267 3.15 -22.21 7.09
C ARG A 267 3.19 -22.67 5.63
N GLU A 268 2.28 -23.54 5.23
CA GLU A 268 2.31 -24.09 3.87
C GLU A 268 1.50 -23.14 3.00
N PRO A 269 2.14 -22.55 1.98
CA PRO A 269 1.43 -21.66 1.03
C PRO A 269 0.04 -22.13 0.56
N GLN A 270 -0.10 -23.39 0.13
CA GLN A 270 -1.34 -23.85 -0.53
C GLN A 270 -2.50 -23.93 0.49
N GLN A 271 -2.16 -23.94 1.78
CA GLN A 271 -3.12 -23.95 2.91
C GLN A 271 -3.60 -22.53 3.24
N ARG A 272 -2.89 -21.49 2.84
CA ARG A 272 -3.35 -20.12 3.20
C ARG A 272 -4.66 -19.92 2.44
N HIS A 273 -5.66 -19.33 3.07
CA HIS A 273 -6.88 -18.86 2.36
C HIS A 273 -6.49 -17.98 1.17
N SER A 274 -7.32 -18.01 0.13
CA SER A 274 -7.21 -17.19 -1.09
C SER A 274 -7.64 -15.76 -0.74
N ILE A 275 -7.13 -14.79 -1.48
CA ILE A 275 -7.44 -13.36 -1.23
C ILE A 275 -8.94 -13.11 -1.45
N LYS A 276 -9.55 -13.78 -2.42
CA LYS A 276 -11.02 -13.74 -2.68
C LYS A 276 -11.75 -14.03 -1.37
N ASP A 277 -11.35 -15.11 -0.67
CA ASP A 277 -12.02 -15.54 0.60
C ASP A 277 -11.81 -14.47 1.68
N VAL A 278 -10.60 -13.92 1.77
CA VAL A 278 -10.30 -12.90 2.81
C VAL A 278 -11.15 -11.65 2.50
N HIS A 279 -11.13 -11.14 1.29
CA HIS A 279 -11.95 -9.94 0.97
C HIS A 279 -13.40 -10.20 1.42
N ALA A 280 -13.94 -11.37 1.08
CA ALA A 280 -15.36 -11.66 1.28
C ALA A 280 -15.63 -11.65 2.79
N ARG A 281 -14.72 -12.17 3.59
CA ARG A 281 -14.87 -12.14 5.06
C ARG A 281 -14.77 -10.69 5.54
N LEU A 282 -13.84 -9.88 5.03
CA LEU A 282 -13.68 -8.54 5.65
C LEU A 282 -14.81 -7.64 5.19
N GLN A 283 -15.22 -7.75 3.92
CA GLN A 283 -16.33 -6.93 3.38
C GLN A 283 -17.61 -7.21 4.16
N ALA A 284 -17.94 -8.47 4.34
CA ALA A 284 -19.17 -8.88 5.06
C ALA A 284 -19.15 -8.23 6.44
N LEU A 285 -18.03 -8.36 7.19
CA LEU A 285 -17.81 -7.67 8.49
C LEU A 285 -17.97 -6.15 8.33
N ALA A 286 -17.31 -5.54 7.34
CA ALA A 286 -17.30 -4.07 7.17
C ALA A 286 -18.72 -3.54 6.96
N GLN A 287 -19.56 -4.31 6.23
CA GLN A 287 -20.93 -3.94 5.81
C GLN A 287 -21.96 -4.41 6.86
N ALA A 288 -21.59 -5.28 7.81
CA ALA A 288 -22.45 -5.78 8.90
C ALA A 288 -23.11 -4.62 9.64
N PRO A 289 -24.35 -4.82 10.16
CA PRO A 289 -25.05 -3.76 10.90
C PRO A 289 -24.40 -3.60 12.27
N PRO A 290 -24.33 -2.37 12.80
CA PRO A 290 -23.80 -2.10 14.14
C PRO A 290 -24.16 -3.12 15.24
N VAL A 291 -25.41 -3.59 15.29
CA VAL A 291 -25.90 -4.58 16.29
C VAL A 291 -24.98 -5.81 16.23
N TYR A 292 -24.59 -6.29 15.05
CA TYR A 292 -23.68 -7.45 14.88
C TYR A 292 -22.27 -7.07 15.34
N LEU A 293 -21.83 -5.90 14.91
CA LEU A 293 -20.43 -5.49 15.16
C LEU A 293 -20.20 -5.24 16.64
N ASP A 294 -21.18 -4.68 17.37
CA ASP A 294 -21.06 -4.26 18.79
C ASP A 294 -20.74 -5.44 19.69
N VAL A 295 -21.07 -6.66 19.26
CA VAL A 295 -20.87 -7.90 20.07
C VAL A 295 -19.82 -8.77 19.42
N LEU A 296 -19.04 -8.29 18.45
CA LEU A 296 -17.84 -9.04 17.95
C LEU A 296 -16.74 -9.02 19.02
C1 L0P B . 12.25 1.42 -7.37
C2 L0P B . 11.02 0.74 -6.85
C3 L0P B . 11.10 -0.25 -5.88
C4 L0P B . 9.96 -0.87 -5.36
C5 L0P B . 8.74 -0.49 -5.77
C7 L0P B . 9.75 1.15 -7.23
C11 L0P B . 6.02 3.53 -8.36
C12 L0P B . 5.30 4.52 -9.02
C15 L0P B . 7.76 3.68 -9.99
C16 L0P B . 7.52 1.13 -7.27
C18 L0P B . 5.31 0.07 -7.44
C23 L0P B . 2.73 1.89 -7.73
C24 L0P B . 1.92 2.98 -8.02
C27 L0P B . 0.79 0.45 -7.76
C30 L0P B . 2.69 -1.80 -7.67
N6 L0P B . 8.63 0.53 -6.69
N8 L0P B . 9.37 2.10 -8.09
C9 L0P B . 8.01 2.10 -8.10
C10 L0P B . 7.24 3.09 -8.86
C13 L0P B . 5.82 5.05 -10.18
C14 L0P B . 7.04 4.64 -10.68
N17 L0P B . 6.21 0.88 -6.93
O19 L0P B . 5.33 -0.33 -8.59
C20 L0P B . 4.17 -0.28 -6.51
N21 L0P B . 2.95 -0.51 -7.28
C22 L0P B . 2.17 0.62 -7.63
C25 L0P B . 0.56 2.82 -8.20
C26 L0P B . -0.01 1.56 -8.05
S28 L0P B . 0.11 -1.15 -7.53
C29 L0P B . 1.40 -2.04 -8.38
O31 L0P B . 3.48 -2.70 -7.51
#